data_7P12
#
_entry.id   7P12
#
_cell.length_a   39.400
_cell.length_b   39.470
_cell.length_c   39.400
_cell.angle_alpha   113.320
_cell.angle_beta   102.020
_cell.angle_gamma   113.297
#
_symmetry.space_group_name_H-M   'P 1'
#
loop_
_entity.id
_entity.type
_entity.pdbx_description
1 polymer DeNovoTIM13-SB
2 non-polymer 'CHLORIDE ION'
3 non-polymer 'PHOSPHATE ION'
4 water water
#
_entity_poly.entity_id   1
_entity_poly.type   'polypeptide(L)'
_entity_poly.pdbx_seq_one_letter_code
;MDVDEMLKQVEILRRLGAKRIAVRSDDWRILQEALKKGGDILIVDATDVDEMLKQVEILRRLGAKEIAVRSDDWRILQEA
LKKGGDILIVDATDVDEMLKQVEILRRLGAKRIAVRSDDWRILQEALKKGGDILIVDATDVDEMLKQVEILRRLGAKEIA
VRSDDWRILQEALKKGGDILIVDATLEHHHHHH
;
_entity_poly.pdbx_strand_id   A
#
# COMPACT_ATOMS: atom_id res chain seq x y z
CA MET A 1 13.36 5.74 7.04
C MET A 1 14.62 6.22 6.34
N ASP A 2 15.65 5.38 6.33
CA ASP A 2 16.92 5.67 5.68
C ASP A 2 17.15 4.69 4.54
N VAL A 3 17.96 5.12 3.57
CA VAL A 3 18.15 4.33 2.35
C VAL A 3 18.82 3.00 2.66
N ASP A 4 19.90 3.03 3.43
CA ASP A 4 20.63 1.79 3.71
C ASP A 4 19.82 0.85 4.59
N GLU A 5 18.93 1.39 5.42
CA GLU A 5 18.03 0.55 6.21
C GLU A 5 16.91 -0.04 5.35
N MET A 6 16.37 0.74 4.41
CA MET A 6 15.31 0.21 3.57
C MET A 6 15.86 -0.87 2.65
N LEU A 7 17.02 -0.62 2.05
CA LEU A 7 17.67 -1.64 1.23
C LEU A 7 17.90 -2.91 2.04
N LYS A 8 18.42 -2.76 3.26
CA LYS A 8 18.68 -3.92 4.10
C LYS A 8 17.40 -4.69 4.40
N GLN A 9 16.31 -3.97 4.67
CA GLN A 9 15.05 -4.64 4.96
C GLN A 9 14.52 -5.36 3.71
N VAL A 10 14.44 -4.64 2.59
CA VAL A 10 14.00 -5.24 1.32
C VAL A 10 14.82 -6.48 1.00
N GLU A 11 16.13 -6.39 1.17
CA GLU A 11 16.99 -7.54 0.89
C GLU A 11 16.66 -8.72 1.79
N ILE A 12 16.52 -8.48 3.09
CA ILE A 12 16.19 -9.58 3.99
C ILE A 12 14.82 -10.15 3.67
N LEU A 13 13.84 -9.30 3.41
CA LEU A 13 12.53 -9.83 3.12
C LEU A 13 12.52 -10.63 1.83
N ARG A 14 13.29 -10.18 0.83
CA ARG A 14 13.36 -10.91 -0.43
C ARG A 14 14.11 -12.23 -0.27
N ARG A 15 15.10 -12.26 0.61
CA ARG A 15 15.86 -13.47 0.89
C ARG A 15 15.08 -14.45 1.74
N LEU A 16 13.96 -14.01 2.31
CA LEU A 16 13.00 -14.86 3.01
C LEU A 16 11.84 -15.26 2.10
N GLY A 17 11.82 -14.79 0.87
CA GLY A 17 10.82 -15.20 -0.10
C GLY A 17 9.62 -14.30 -0.26
N ALA A 18 9.68 -13.05 0.20
CA ALA A 18 8.59 -12.12 -0.03
C ALA A 18 8.44 -11.91 -1.53
N LYS A 19 7.27 -12.23 -2.06
CA LYS A 19 7.03 -12.12 -3.49
C LYS A 19 6.41 -10.78 -3.87
N ARG A 20 5.94 -10.00 -2.90
CA ARG A 20 5.35 -8.69 -3.19
C ARG A 20 5.78 -7.72 -2.09
N ILE A 21 6.78 -6.90 -2.38
CA ILE A 21 7.30 -5.94 -1.42
C ILE A 21 6.96 -4.53 -1.89
N ALA A 22 6.40 -3.74 -0.99
CA ALA A 22 6.08 -2.35 -1.24
C ALA A 22 6.98 -1.49 -0.38
N VAL A 23 7.45 -0.37 -0.94
CA VAL A 23 8.23 0.59 -0.17
C VAL A 23 7.48 1.90 -0.16
N ARG A 24 7.18 2.38 1.05
CA ARG A 24 6.46 3.63 1.24
C ARG A 24 7.43 4.69 1.75
N SER A 25 7.43 5.86 1.11
CA SER A 25 8.31 6.95 1.52
C SER A 25 7.79 8.25 0.93
N ASP A 26 7.95 9.32 1.68
CA ASP A 26 7.66 10.66 1.17
C ASP A 26 8.82 11.26 0.38
N ASP A 27 9.99 10.63 0.42
CA ASP A 27 11.18 11.13 -0.26
C ASP A 27 11.35 10.38 -1.57
N TRP A 28 11.42 11.14 -2.67
CA TRP A 28 11.61 10.53 -3.98
C TRP A 28 12.92 9.73 -4.05
N ARG A 29 13.92 10.12 -3.25
CA ARG A 29 15.20 9.44 -3.28
C ARG A 29 15.07 7.98 -2.85
N ILE A 30 14.34 7.74 -1.76
CA ILE A 30 14.20 6.37 -1.27
C ILE A 30 13.47 5.51 -2.29
N LEU A 31 12.39 6.04 -2.87
CA LEU A 31 11.58 5.22 -3.76
C LEU A 31 12.35 4.84 -5.02
N GLN A 32 13.17 5.76 -5.54
CA GLN A 32 13.98 5.41 -6.69
C GLN A 32 15.01 4.34 -6.36
N GLU A 33 15.58 4.38 -5.14
CA GLU A 33 16.48 3.31 -4.71
C GLU A 33 15.75 1.97 -4.65
N ALA A 34 14.53 1.96 -4.11
CA ALA A 34 13.75 0.73 -4.02
C ALA A 34 13.46 0.14 -5.39
N LEU A 35 13.10 0.98 -6.37
CA LEU A 35 12.85 0.46 -7.71
C LEU A 35 14.09 -0.21 -8.27
N LYS A 36 15.24 0.48 -8.20
CA LYS A 36 16.50 -0.11 -8.61
C LYS A 36 16.79 -1.41 -7.86
N LYS A 37 16.55 -1.42 -6.55
CA LYS A 37 16.77 -2.60 -5.73
C LYS A 37 15.75 -3.70 -5.98
N GLY A 38 14.74 -3.45 -6.81
CA GLY A 38 13.78 -4.49 -7.15
C GLY A 38 12.49 -4.50 -6.35
N GLY A 39 12.22 -3.46 -5.57
CA GLY A 39 10.95 -3.39 -4.87
C GLY A 39 9.79 -3.39 -5.86
N ASP A 40 8.71 -4.09 -5.47
CA ASP A 40 7.67 -4.40 -6.44
C ASP A 40 6.72 -3.23 -6.62
N ILE A 41 6.25 -2.66 -5.51
CA ILE A 41 5.28 -1.58 -5.50
C ILE A 41 5.93 -0.36 -4.87
N LEU A 42 5.90 0.78 -5.56
CA LEU A 42 6.38 2.03 -4.99
C LEU A 42 5.19 2.86 -4.54
N ILE A 43 5.12 3.17 -3.24
CA ILE A 43 3.96 3.83 -2.64
C ILE A 43 4.31 5.29 -2.44
N VAL A 44 3.79 6.15 -3.32
CA VAL A 44 4.03 7.59 -3.23
C VAL A 44 3.13 8.18 -2.14
N ASP A 45 3.76 8.76 -1.12
CA ASP A 45 3.04 9.25 0.04
C ASP A 45 2.24 10.51 -0.31
N ALA A 46 1.47 10.99 0.66
CA ALA A 46 0.60 12.14 0.46
C ALA A 46 1.43 13.40 0.22
N THR A 47 1.28 14.01 -0.95
CA THR A 47 1.97 15.23 -1.30
C THR A 47 1.03 16.12 -2.11
N ASP A 48 1.56 17.24 -2.60
CA ASP A 48 0.76 18.13 -3.42
C ASP A 48 0.48 17.49 -4.79
N VAL A 49 -0.59 17.97 -5.43
CA VAL A 49 -1.01 17.39 -6.70
C VAL A 49 0.06 17.57 -7.76
N ASP A 50 0.70 18.74 -7.77
CA ASP A 50 1.75 19.00 -8.76
C ASP A 50 2.97 18.12 -8.51
N GLU A 51 3.34 17.93 -7.24
CA GLU A 51 4.51 17.12 -6.94
C GLU A 51 4.23 15.64 -7.08
N MET A 52 2.99 15.22 -6.82
CA MET A 52 2.64 13.81 -6.97
C MET A 52 2.70 13.41 -8.44
N LEU A 53 2.14 14.24 -9.32
CA LEU A 53 2.12 13.95 -10.74
C LEU A 53 3.53 13.93 -11.31
N LYS A 54 4.39 14.85 -10.84
CA LYS A 54 5.77 14.88 -11.31
C LYS A 54 6.54 13.63 -10.86
N GLN A 55 6.31 13.18 -9.63
CA GLN A 55 7.00 11.98 -9.17
C GLN A 55 6.49 10.73 -9.89
N VAL A 56 5.18 10.63 -10.10
CA VAL A 56 4.64 9.48 -10.83
C VAL A 56 5.28 9.38 -12.22
N GLU A 57 5.34 10.50 -12.95
CA GLU A 57 5.84 10.44 -14.32
C GLU A 57 7.29 9.98 -14.36
N ILE A 58 8.11 10.41 -13.41
CA ILE A 58 9.51 10.04 -13.46
C ILE A 58 9.73 8.61 -13.00
N LEU A 59 9.04 8.19 -11.94
CA LEU A 59 9.07 6.78 -11.59
C LEU A 59 8.70 5.91 -12.78
N ARG A 60 7.73 6.37 -13.58
CA ARG A 60 7.26 5.59 -14.73
C ARG A 60 8.29 5.60 -15.85
N ARG A 61 8.92 6.76 -16.09
CA ARG A 61 9.98 6.84 -17.08
C ARG A 61 11.20 6.03 -16.64
N LEU A 62 11.41 5.91 -15.32
CA LEU A 62 12.49 5.11 -14.77
C LEU A 62 12.20 3.62 -14.81
N GLY A 63 10.95 3.23 -15.09
CA GLY A 63 10.62 1.84 -15.23
C GLY A 63 9.72 1.22 -14.17
N ALA A 64 9.13 2.02 -13.28
CA ALA A 64 8.23 1.47 -12.27
C ALA A 64 7.00 0.89 -12.97
N LYS A 65 6.74 -0.40 -12.73
CA LYS A 65 5.59 -1.06 -13.32
C LYS A 65 4.40 -1.13 -12.37
N GLU A 66 4.61 -0.86 -11.08
CA GLU A 66 3.51 -0.82 -10.10
C GLU A 66 3.72 0.38 -9.18
N ILE A 67 3.04 1.47 -9.47
CA ILE A 67 3.08 2.68 -8.66
C ILE A 67 1.78 2.78 -7.90
N ALA A 68 1.88 3.08 -6.61
CA ALA A 68 0.75 3.31 -5.75
C ALA A 68 0.80 4.75 -5.28
N VAL A 69 -0.35 5.41 -5.24
CA VAL A 69 -0.45 6.76 -4.71
C VAL A 69 -1.32 6.72 -3.49
N ARG A 70 -0.80 7.26 -2.38
CA ARG A 70 -1.49 7.28 -1.10
C ARG A 70 -1.92 8.71 -0.80
N SER A 71 -3.19 8.87 -0.45
CA SER A 71 -3.71 10.20 -0.19
C SER A 71 -5.03 10.09 0.55
N ASP A 72 -5.24 10.98 1.51
CA ASP A 72 -6.54 11.14 2.12
C ASP A 72 -7.43 12.11 1.35
N ASP A 73 -6.84 12.94 0.49
CA ASP A 73 -7.60 13.86 -0.36
C ASP A 73 -7.97 13.14 -1.66
N TRP A 74 -9.27 12.98 -1.89
CA TRP A 74 -9.76 12.30 -3.08
C TRP A 74 -9.37 13.01 -4.37
N ARG A 75 -9.00 14.29 -4.32
CA ARG A 75 -8.56 14.99 -5.52
C ARG A 75 -7.29 14.36 -6.06
N ILE A 76 -6.30 14.13 -5.19
CA ILE A 76 -5.05 13.53 -5.63
C ILE A 76 -5.30 12.17 -6.27
N LEU A 77 -6.13 11.35 -5.63
CA LEU A 77 -6.30 9.98 -6.10
C LEU A 77 -6.92 9.93 -7.49
N GLN A 78 -7.86 10.85 -7.78
CA GLN A 78 -8.43 10.91 -9.12
C GLN A 78 -7.38 11.37 -10.13
N GLU A 79 -6.61 12.39 -9.77
CA GLU A 79 -5.56 12.87 -10.67
C GLU A 79 -4.49 11.80 -10.88
N ALA A 80 -4.26 10.93 -9.89
CA ALA A 80 -3.35 9.81 -10.08
C ALA A 80 -4.00 8.72 -10.93
N LEU A 81 -5.30 8.48 -10.74
CA LEU A 81 -6.02 7.57 -11.63
C LEU A 81 -5.85 8.00 -13.08
N LYS A 82 -6.10 9.28 -13.35
CA LYS A 82 -6.03 9.79 -14.71
C LYS A 82 -4.62 9.69 -15.29
N LYS A 83 -3.62 9.98 -14.48
CA LYS A 83 -2.23 9.81 -14.91
C LYS A 83 -1.89 8.35 -15.18
N GLY A 84 -2.64 7.42 -14.61
CA GLY A 84 -2.41 6.01 -14.81
C GLY A 84 -1.71 5.31 -13.68
N GLY A 85 -1.66 5.90 -12.49
CA GLY A 85 -1.12 5.19 -11.34
C GLY A 85 -1.86 3.88 -11.12
N ASP A 86 -1.13 2.87 -10.68
CA ASP A 86 -1.65 1.51 -10.73
C ASP A 86 -2.51 1.17 -9.52
N ILE A 87 -2.16 1.68 -8.35
CA ILE A 87 -2.89 1.39 -7.12
C ILE A 87 -3.26 2.70 -6.44
N LEU A 88 -4.53 2.88 -6.11
CA LEU A 88 -4.99 4.06 -5.40
C LEU A 88 -5.26 3.68 -3.94
N ILE A 89 -4.48 4.24 -3.03
CA ILE A 89 -4.50 3.83 -1.63
C ILE A 89 -5.34 4.83 -0.84
N VAL A 90 -6.56 4.41 -0.47
CA VAL A 90 -7.48 5.27 0.25
C VAL A 90 -7.14 5.24 1.73
N ASP A 91 -6.83 6.42 2.29
CA ASP A 91 -6.54 6.56 3.71
C ASP A 91 -7.65 7.36 4.38
N ALA A 92 -8.85 6.78 4.39
CA ALA A 92 -10.01 7.44 4.96
C ALA A 92 -10.18 7.08 6.42
N THR A 93 -10.98 7.89 7.12
CA THR A 93 -11.28 7.69 8.53
C THR A 93 -12.72 7.30 8.79
N ASP A 94 -13.68 7.95 8.13
CA ASP A 94 -15.09 7.61 8.30
C ASP A 94 -15.48 6.45 7.40
N VAL A 95 -16.30 5.55 7.93
CA VAL A 95 -16.72 4.38 7.19
C VAL A 95 -17.47 4.82 5.94
N ASP A 96 -18.67 5.40 6.14
CA ASP A 96 -19.50 5.80 5.01
C ASP A 96 -18.77 6.72 4.04
N GLU A 97 -17.74 7.42 4.52
CA GLU A 97 -16.90 8.18 3.61
C GLU A 97 -16.03 7.26 2.76
N MET A 98 -15.56 6.15 3.34
CA MET A 98 -14.67 5.26 2.60
C MET A 98 -15.39 4.62 1.43
N LEU A 99 -16.54 3.97 1.69
CA LEU A 99 -17.28 3.35 0.59
C LEU A 99 -17.69 4.37 -0.46
N LYS A 100 -17.95 5.61 -0.04
CA LYS A 100 -18.23 6.67 -0.99
C LYS A 100 -17.01 6.95 -1.86
N GLN A 101 -15.84 7.08 -1.22
CA GLN A 101 -14.59 7.28 -1.94
C GLN A 101 -14.30 6.12 -2.87
N VAL A 102 -14.48 4.88 -2.39
CA VAL A 102 -14.20 3.71 -3.21
C VAL A 102 -15.14 3.64 -4.41
N GLU A 103 -16.42 3.99 -4.21
CA GLU A 103 -17.40 3.78 -5.27
C GLU A 103 -17.16 4.72 -6.44
N ILE A 104 -16.83 5.99 -6.18
CA ILE A 104 -16.53 6.89 -7.28
C ILE A 104 -15.25 6.46 -7.99
N LEU A 105 -14.22 6.10 -7.22
CA LEU A 105 -12.98 5.66 -7.85
C LEU A 105 -13.24 4.51 -8.80
N ARG A 106 -14.09 3.56 -8.38
CA ARG A 106 -14.36 2.37 -9.19
C ARG A 106 -15.17 2.71 -10.42
N ARG A 107 -16.17 3.59 -10.27
CA ARG A 107 -16.93 4.06 -11.41
C ARG A 107 -16.04 4.78 -12.40
N LEU A 108 -14.98 5.45 -11.92
CA LEU A 108 -14.03 6.12 -12.79
C LEU A 108 -13.08 5.16 -13.48
N GLY A 109 -13.11 3.88 -13.11
CA GLY A 109 -12.27 2.89 -13.75
C GLY A 109 -11.01 2.50 -13.01
N ALA A 110 -10.92 2.77 -11.71
CA ALA A 110 -9.78 2.30 -10.93
C ALA A 110 -9.84 0.79 -10.84
N LYS A 111 -8.87 0.11 -11.42
CA LYS A 111 -8.85 -1.34 -11.41
C LYS A 111 -8.14 -1.92 -10.19
N ARG A 112 -7.47 -1.08 -9.39
CA ARG A 112 -6.76 -1.55 -8.18
C ARG A 112 -6.92 -0.49 -7.09
N ILE A 113 -7.85 -0.73 -6.18
CA ILE A 113 -8.06 0.14 -5.02
C ILE A 113 -7.61 -0.55 -3.76
N ALA A 114 -6.85 0.17 -2.93
CA ALA A 114 -6.40 -0.28 -1.64
C ALA A 114 -7.01 0.63 -0.59
N VAL A 115 -7.52 0.02 0.48
CA VAL A 115 -8.03 0.77 1.62
C VAL A 115 -7.09 0.53 2.79
N ARG A 116 -6.71 1.62 3.45
CA ARG A 116 -5.77 1.55 4.56
C ARG A 116 -6.48 2.03 5.83
N SER A 117 -6.40 1.22 6.88
CA SER A 117 -7.08 1.55 8.13
C SER A 117 -6.56 0.64 9.23
N ASP A 118 -6.34 1.22 10.41
CA ASP A 118 -6.05 0.43 11.60
C ASP A 118 -7.30 -0.18 12.19
N ASP A 119 -8.47 0.36 11.86
CA ASP A 119 -9.73 -0.20 12.33
C ASP A 119 -10.13 -1.37 11.44
N TRP A 120 -10.19 -2.57 12.02
CA TRP A 120 -10.61 -3.75 11.27
C TRP A 120 -12.04 -3.64 10.76
N ARG A 121 -12.88 -2.81 11.38
CA ARG A 121 -14.25 -2.65 10.92
C ARG A 121 -14.29 -2.03 9.53
N ILE A 122 -13.49 -0.99 9.31
CA ILE A 122 -13.43 -0.36 7.99
C ILE A 122 -12.95 -1.37 6.96
N LEU A 123 -11.90 -2.12 7.30
CA LEU A 123 -11.30 -3.01 6.31
C LEU A 123 -12.28 -4.10 5.88
N GLN A 124 -13.12 -4.57 6.82
CA GLN A 124 -14.14 -5.55 6.45
C GLN A 124 -15.17 -4.94 5.50
N GLU A 125 -15.67 -3.75 5.83
CA GLU A 125 -16.61 -3.07 4.94
C GLU A 125 -15.96 -2.76 3.59
N ALA A 126 -14.63 -2.55 3.57
CA ALA A 126 -13.93 -2.44 2.30
C ALA A 126 -13.89 -3.77 1.57
N LEU A 127 -13.67 -4.87 2.29
CA LEU A 127 -13.72 -6.18 1.65
C LEU A 127 -15.12 -6.47 1.10
N LYS A 128 -16.16 -6.12 1.87
CA LYS A 128 -17.53 -6.28 1.40
C LYS A 128 -17.78 -5.48 0.12
N LYS A 129 -17.41 -4.19 0.13
CA LYS A 129 -17.66 -3.35 -1.04
C LYS A 129 -16.76 -3.67 -2.21
N GLY A 130 -15.83 -4.62 -2.06
CA GLY A 130 -15.03 -5.07 -3.17
C GLY A 130 -13.70 -4.38 -3.36
N GLY A 131 -13.16 -3.73 -2.33
CA GLY A 131 -11.83 -3.16 -2.45
C GLY A 131 -10.80 -4.25 -2.71
N ASP A 132 -9.79 -3.91 -3.52
CA ASP A 132 -8.90 -4.93 -4.06
C ASP A 132 -7.82 -5.32 -3.06
N ILE A 133 -7.34 -4.37 -2.26
CA ILE A 133 -6.24 -4.61 -1.34
C ILE A 133 -6.61 -4.04 0.01
N LEU A 134 -6.59 -4.88 1.04
CA LEU A 134 -6.81 -4.41 2.40
C LEU A 134 -5.48 -4.18 3.08
N ILE A 135 -5.19 -2.93 3.45
CA ILE A 135 -3.90 -2.55 4.05
C ILE A 135 -4.07 -2.47 5.56
N VAL A 136 -3.56 -3.49 6.25
CA VAL A 136 -3.60 -3.54 7.71
C VAL A 136 -2.45 -2.73 8.28
N ASP A 137 -2.77 -1.78 9.15
CA ASP A 137 -1.76 -1.04 9.91
C ASP A 137 -1.47 -1.81 11.19
N ALA A 138 -0.26 -2.34 11.30
CA ALA A 138 0.10 -3.21 12.40
C ALA A 138 0.55 -2.42 13.63
N THR A 139 0.46 -3.07 14.78
CA THR A 139 0.90 -2.47 16.04
C THR A 139 1.40 -3.57 16.99
N ASP A 140 0.70 -4.70 17.01
CA ASP A 140 1.06 -5.84 17.84
C ASP A 140 1.12 -7.09 16.97
N VAL A 141 2.14 -7.92 17.20
CA VAL A 141 2.37 -9.08 16.34
C VAL A 141 1.18 -10.03 16.37
N ASP A 142 0.67 -10.30 17.59
CA ASP A 142 -0.47 -11.19 17.73
C ASP A 142 -1.78 -10.53 17.34
N GLU A 143 -1.86 -9.20 17.38
CA GLU A 143 -3.04 -8.51 16.90
C GLU A 143 -3.10 -8.50 15.37
N MET A 144 -1.97 -8.27 14.72
CA MET A 144 -1.94 -8.31 13.26
C MET A 144 -2.26 -9.71 12.74
N LEU A 145 -1.68 -10.75 13.37
CA LEU A 145 -1.99 -12.11 12.99
C LEU A 145 -3.49 -12.38 13.09
N LYS A 146 -4.12 -11.89 14.15
CA LYS A 146 -5.56 -12.07 14.31
C LYS A 146 -6.33 -11.40 13.18
N GLN A 147 -5.99 -10.14 12.88
CA GLN A 147 -6.69 -9.43 11.81
C GLN A 147 -6.44 -10.07 10.46
N VAL A 148 -5.17 -10.39 10.17
CA VAL A 148 -4.85 -11.04 8.90
C VAL A 148 -5.68 -12.31 8.73
N GLU A 149 -5.78 -13.11 9.79
CA GLU A 149 -6.43 -14.41 9.68
C GLU A 149 -7.94 -14.26 9.48
N ILE A 150 -8.59 -13.37 10.23
CA ILE A 150 -10.02 -13.13 10.02
C ILE A 150 -10.27 -12.60 8.62
N LEU A 151 -9.49 -11.61 8.20
CA LEU A 151 -9.67 -11.09 6.84
C LEU A 151 -9.55 -12.20 5.81
N ARG A 152 -8.63 -13.16 6.04
CA ARG A 152 -8.36 -14.17 5.03
C ARG A 152 -9.51 -15.16 4.87
N ARG A 153 -10.16 -15.53 5.98
CA ARG A 153 -11.29 -16.44 5.89
C ARG A 153 -12.60 -15.70 5.65
N LEU A 154 -12.55 -14.37 5.60
CA LEU A 154 -13.61 -13.55 5.04
C LEU A 154 -13.50 -13.43 3.53
N GLY A 155 -12.47 -14.02 2.93
CA GLY A 155 -12.31 -14.01 1.49
C GLY A 155 -11.38 -12.96 0.94
N ALA A 156 -10.55 -12.33 1.77
CA ALA A 156 -9.63 -11.31 1.26
C ALA A 156 -8.54 -11.99 0.47
N LYS A 157 -8.47 -11.70 -0.82
CA LYS A 157 -7.46 -12.31 -1.68
C LYS A 157 -6.17 -11.50 -1.75
N GLU A 158 -6.17 -10.25 -1.29
CA GLU A 158 -4.97 -9.40 -1.32
C GLU A 158 -4.90 -8.61 -0.02
N ILE A 159 -4.06 -9.08 0.90
CA ILE A 159 -3.86 -8.43 2.19
C ILE A 159 -2.46 -7.85 2.23
N ALA A 160 -2.36 -6.59 2.66
CA ALA A 160 -1.10 -5.90 2.84
C ALA A 160 -0.94 -5.57 4.31
N VAL A 161 0.25 -5.78 4.84
CA VAL A 161 0.58 -5.41 6.21
C VAL A 161 1.59 -4.27 6.17
N ARG A 162 1.30 -3.21 6.92
CA ARG A 162 2.15 -2.03 6.95
C ARG A 162 2.75 -1.90 8.34
N SER A 163 4.07 -1.81 8.40
CA SER A 163 4.76 -1.70 9.68
C SER A 163 6.17 -1.15 9.43
N ASP A 164 6.64 -0.34 10.38
CA ASP A 164 8.01 0.14 10.35
C ASP A 164 8.97 -0.81 11.05
N ASP A 165 8.47 -1.87 11.67
CA ASP A 165 9.30 -2.84 12.38
C ASP A 165 9.42 -4.11 11.54
N TRP A 166 10.66 -4.52 11.29
CA TRP A 166 10.91 -5.74 10.52
C TRP A 166 10.30 -6.98 11.18
N ARG A 167 10.08 -6.95 12.49
CA ARG A 167 9.52 -8.11 13.18
C ARG A 167 8.11 -8.41 12.70
N ILE A 168 7.25 -7.40 12.65
CA ILE A 168 5.87 -7.61 12.24
C ILE A 168 5.81 -8.07 10.79
N LEU A 169 6.61 -7.46 9.92
CA LEU A 169 6.50 -7.77 8.50
C LEU A 169 6.96 -9.20 8.20
N GLN A 170 7.98 -9.67 8.92
CA GLN A 170 8.40 -11.07 8.78
C GLN A 170 7.31 -12.01 9.26
N GLU A 171 6.65 -11.69 10.38
CA GLU A 171 5.50 -12.47 10.81
C GLU A 171 4.41 -12.48 9.74
N ALA A 172 4.15 -11.32 9.12
CA ALA A 172 3.17 -11.26 8.04
C ALA A 172 3.60 -12.08 6.83
N LEU A 173 4.91 -12.10 6.53
CA LEU A 173 5.39 -12.99 5.48
C LEU A 173 5.18 -14.44 5.87
N LYS A 174 5.58 -14.79 7.10
CA LYS A 174 5.38 -16.13 7.62
C LYS A 174 3.90 -16.53 7.62
N LYS A 175 3.01 -15.59 7.94
CA LYS A 175 1.58 -15.88 7.99
C LYS A 175 0.92 -15.89 6.63
N GLY A 176 1.62 -15.49 5.58
CA GLY A 176 1.05 -15.51 4.24
C GLY A 176 0.44 -14.21 3.75
N GLY A 177 0.65 -13.10 4.46
CA GLY A 177 0.20 -11.82 3.95
C GLY A 177 0.77 -11.52 2.58
N ASP A 178 -0.04 -10.88 1.74
CA ASP A 178 0.25 -10.89 0.32
C ASP A 178 1.27 -9.81 -0.04
N ILE A 179 1.19 -8.65 0.59
CA ILE A 179 2.07 -7.52 0.30
C ILE A 179 2.68 -7.05 1.61
N LEU A 180 3.99 -6.92 1.65
CA LEU A 180 4.68 -6.38 2.81
C LEU A 180 5.07 -4.93 2.54
N ILE A 181 4.53 -4.01 3.32
CA ILE A 181 4.61 -2.58 3.03
C ILE A 181 5.67 -2.00 3.96
N VAL A 182 6.88 -1.77 3.43
CA VAL A 182 7.98 -1.26 4.23
C VAL A 182 7.76 0.24 4.44
N ASP A 183 7.58 0.65 5.70
CA ASP A 183 7.24 2.02 6.03
C ASP A 183 8.51 2.83 6.24
N ALA A 184 8.56 4.00 5.62
CA ALA A 184 9.70 4.90 5.75
C ALA A 184 9.26 6.36 5.70
#